data_1GYM
#
_entry.id   1GYM
#
_cell.length_a   45.200
_cell.length_b   46.500
_cell.length_c   161.000
_cell.angle_alpha   90.00
_cell.angle_beta   90.00
_cell.angle_gamma   90.00
#
_symmetry.space_group_name_H-M   'P 21 21 21'
#
loop_
_entity.id
_entity.type
_entity.pdbx_description
1 polymer 'PHOSPHATIDYLINOSITOL-SPECIFIC PHOSPHOLIPASE C'
2 non-polymer '(1R,2R,3R,4R,5R,6S)-2,3,4,5,6-pentahydroxycyclohexyl 2-amino-2-deoxy-alpha-D-glucopyranoside'
3 water water
#
_entity_poly.entity_id   1
_entity_poly.type   'polypeptide(L)'
_entity_poly.pdbx_seq_one_letter_code
;ASSVNELENWSKWMQPIPDSIPLARISIPGTHDSGTFKLQNPIKQVWGMTQEYDFRYQMDHGARIFDIRGRLTDDNTIVL
HHGPLYLYVTLHEFINEAKQFLKDNPSETIIMSLKKEYEDMKGAEDSFSSTFEKKYFVDPIFLKTEGNIKLGDARGKIVL
LKRYSGSNEPGGYNNFYWPDNETFTTTVNQNANVTVQDKYKVSYDEKVKSIKDTMDETMNNSEDLNHLYINFTSLSSGGT
AWNSPYYYASYINPEIANYIKQKNPARVGWVIQDYINEKWSPLLYQEVIRANKSLIKE
;
_entity_poly.pdbx_strand_id   A
#
# COMPACT_ATOMS: atom_id res chain seq x y z
N ALA A 1 16.03 -8.26 -17.27
CA ALA A 1 16.61 -9.51 -17.83
C ALA A 1 15.97 -10.74 -17.18
N SER A 2 16.67 -11.86 -17.19
CA SER A 2 16.08 -13.07 -16.65
C SER A 2 16.79 -13.78 -15.49
N SER A 3 17.03 -13.06 -14.41
CA SER A 3 17.68 -13.67 -13.24
C SER A 3 16.90 -13.29 -11.98
N VAL A 4 16.76 -14.23 -11.05
CA VAL A 4 16.03 -13.93 -9.83
C VAL A 4 16.86 -12.93 -9.02
N ASN A 5 18.13 -12.81 -9.38
CA ASN A 5 19.01 -11.91 -8.65
C ASN A 5 18.56 -10.48 -8.89
N GLU A 6 17.83 -10.25 -9.98
CA GLU A 6 17.34 -8.92 -10.30
C GLU A 6 16.20 -8.47 -9.37
N LEU A 7 15.56 -9.44 -8.73
CA LEU A 7 14.51 -9.14 -7.80
C LEU A 7 15.21 -8.62 -6.55
N GLU A 8 16.52 -8.76 -6.50
CA GLU A 8 17.30 -8.33 -5.35
C GLU A 8 17.67 -6.85 -5.28
N ASN A 9 17.42 -6.13 -6.37
CA ASN A 9 17.67 -4.68 -6.41
C ASN A 9 16.34 -4.11 -5.97
N TRP A 10 16.25 -3.65 -4.73
CA TRP A 10 14.99 -3.14 -4.22
C TRP A 10 14.47 -1.93 -4.96
N SER A 11 15.35 -1.20 -5.64
CA SER A 11 14.92 -0.02 -6.36
C SER A 11 14.34 -0.29 -7.71
N LYS A 12 14.70 -1.41 -8.31
CA LYS A 12 14.19 -1.76 -9.63
C LYS A 12 13.68 -3.19 -9.71
N TRP A 13 13.28 -3.78 -8.58
CA TRP A 13 12.81 -5.16 -8.55
C TRP A 13 11.73 -5.54 -9.53
N MET A 14 10.98 -4.57 -10.06
CA MET A 14 9.92 -4.89 -11.01
C MET A 14 10.45 -4.97 -12.43
N GLN A 15 11.73 -4.61 -12.59
CA GLN A 15 12.39 -4.63 -13.88
C GLN A 15 12.28 -6.01 -14.57
N PRO A 16 12.66 -7.10 -13.89
CA PRO A 16 12.56 -8.41 -14.54
C PRO A 16 11.20 -9.01 -14.84
N ILE A 17 10.15 -8.54 -14.19
CA ILE A 17 8.79 -9.07 -14.40
C ILE A 17 8.18 -8.71 -15.79
N PRO A 18 7.53 -9.68 -16.48
CA PRO A 18 6.94 -9.40 -17.81
C PRO A 18 5.81 -8.34 -17.83
N ASP A 19 5.88 -7.45 -18.83
CA ASP A 19 4.89 -6.40 -19.01
C ASP A 19 3.47 -6.93 -19.05
N SER A 20 3.32 -8.15 -19.54
CA SER A 20 2.01 -8.77 -19.69
C SER A 20 1.35 -9.22 -18.38
N ILE A 21 2.09 -9.23 -17.29
CA ILE A 21 1.55 -9.66 -16.01
C ILE A 21 0.69 -8.61 -15.37
N PRO A 22 -0.56 -8.96 -15.01
CA PRO A 22 -1.47 -8.02 -14.36
C PRO A 22 -0.87 -7.65 -13.02
N LEU A 23 -0.98 -6.37 -12.64
CA LEU A 23 -0.41 -5.94 -11.37
C LEU A 23 -0.93 -6.77 -10.22
N ALA A 24 -2.21 -7.16 -10.32
CA ALA A 24 -2.89 -7.97 -9.32
C ALA A 24 -2.14 -9.28 -9.00
N ARG A 25 -1.63 -9.94 -10.03
CA ARG A 25 -0.89 -11.20 -9.92
C ARG A 25 0.50 -11.04 -9.29
N ILE A 26 1.05 -9.84 -9.33
CA ILE A 26 2.35 -9.61 -8.72
C ILE A 26 2.28 -9.53 -7.16
N SER A 27 3.32 -9.98 -6.46
CA SER A 27 3.35 -9.89 -5.00
C SER A 27 4.09 -8.60 -4.73
N ILE A 28 3.42 -7.68 -4.04
CA ILE A 28 3.96 -6.34 -3.83
C ILE A 28 4.05 -5.80 -2.42
N PRO A 29 5.25 -5.41 -1.97
CA PRO A 29 5.23 -4.88 -0.61
C PRO A 29 4.57 -3.44 -0.61
N GLY A 30 3.90 -3.10 0.50
CA GLY A 30 3.25 -1.81 0.62
C GLY A 30 3.45 -1.33 2.04
N THR A 31 3.17 -0.06 2.31
CA THR A 31 3.30 0.49 3.67
C THR A 31 1.96 1.06 4.15
N HIS A 32 1.63 0.79 5.41
CA HIS A 32 0.39 1.22 6.06
C HIS A 32 0.60 2.63 6.66
N ASP A 33 -0.40 3.51 6.53
CA ASP A 33 -0.26 4.86 7.07
C ASP A 33 1.11 5.47 6.72
N SER A 34 1.45 5.38 5.43
CA SER A 34 2.75 5.79 4.92
C SER A 34 3.28 7.15 5.35
N GLY A 35 2.40 8.15 5.45
CA GLY A 35 2.87 9.49 5.80
C GLY A 35 3.10 9.91 7.24
N THR A 36 3.13 8.95 8.16
CA THR A 36 3.29 9.26 9.59
C THR A 36 4.74 9.39 10.09
N PHE A 37 5.72 9.33 9.18
CA PHE A 37 7.11 9.38 9.56
C PHE A 37 7.64 10.66 10.22
N LYS A 38 6.92 11.77 10.10
CA LYS A 38 7.39 13.03 10.71
C LYS A 38 6.94 13.18 12.14
N LEU A 39 6.07 12.30 12.63
CA LEU A 39 5.60 12.38 14.00
C LEU A 39 6.77 12.30 14.98
N GLN A 40 6.89 13.30 15.84
CA GLN A 40 7.98 13.32 16.82
C GLN A 40 7.53 13.32 18.27
N ASN A 41 6.30 13.72 18.52
CA ASN A 41 5.83 13.75 19.90
C ASN A 41 5.53 12.33 20.36
N PRO A 42 6.21 11.88 21.43
CA PRO A 42 6.11 10.56 22.07
C PRO A 42 4.70 10.01 22.15
N ILE A 43 3.79 10.81 22.67
CA ILE A 43 2.42 10.37 22.79
C ILE A 43 1.77 10.19 21.44
N LYS A 44 2.04 11.10 20.52
CA LYS A 44 1.47 10.96 19.18
C LYS A 44 2.05 9.70 18.53
N GLN A 45 3.36 9.53 18.65
CA GLN A 45 4.06 8.37 18.06
C GLN A 45 3.44 7.03 18.48
N VAL A 46 3.15 6.90 19.78
CA VAL A 46 2.55 5.70 20.34
C VAL A 46 1.22 5.40 19.72
N TRP A 47 0.34 6.40 19.70
CA TRP A 47 -0.99 6.24 19.15
C TRP A 47 -1.12 6.24 17.62
N GLY A 48 -0.16 6.84 16.91
CA GLY A 48 -0.32 6.90 15.48
C GLY A 48 0.79 6.60 14.51
N MET A 49 2.04 6.63 14.96
CA MET A 49 3.16 6.39 14.06
C MET A 49 3.27 4.93 13.56
N THR A 50 3.48 4.76 12.25
CA THR A 50 3.58 3.43 11.69
C THR A 50 4.80 3.26 10.82
N GLN A 51 5.52 4.33 10.56
CA GLN A 51 6.71 4.27 9.71
C GLN A 51 7.72 5.18 10.39
N GLU A 52 8.99 4.89 10.20
CA GLU A 52 10.08 5.66 10.79
C GLU A 52 10.79 6.46 9.71
N TYR A 53 10.68 6.02 8.45
CA TYR A 53 11.40 6.68 7.35
C TYR A 53 10.49 7.25 6.29
N ASP A 54 11.05 8.07 5.42
CA ASP A 54 10.22 8.73 4.43
C ASP A 54 9.87 7.91 3.23
N PHE A 55 9.03 8.52 2.40
CA PHE A 55 8.55 7.91 1.17
C PHE A 55 9.66 7.37 0.30
N ARG A 56 10.72 8.12 0.16
CA ARG A 56 11.78 7.67 -0.70
C ARG A 56 12.52 6.50 -0.11
N TYR A 57 12.71 6.48 1.21
CA TYR A 57 13.37 5.35 1.88
C TYR A 57 12.45 4.16 1.68
N GLN A 58 11.15 4.39 1.81
CA GLN A 58 10.21 3.33 1.64
C GLN A 58 10.25 2.69 0.26
N MET A 59 10.34 3.48 -0.81
CA MET A 59 10.37 2.91 -2.16
C MET A 59 11.73 2.29 -2.54
N ASP A 60 12.79 2.72 -1.90
CA ASP A 60 14.12 2.19 -2.19
C ASP A 60 14.29 0.85 -1.47
N HIS A 61 13.33 0.55 -0.58
CA HIS A 61 13.29 -0.71 0.17
C HIS A 61 12.25 -1.64 -0.45
N GLY A 62 11.89 -1.32 -1.68
CA GLY A 62 10.97 -2.14 -2.43
C GLY A 62 9.49 -1.90 -2.33
N ALA A 63 9.04 -1.04 -1.42
CA ALA A 63 7.61 -0.80 -1.25
C ALA A 63 7.08 -0.05 -2.51
N ARG A 64 5.99 -0.56 -3.08
CA ARG A 64 5.36 0.00 -4.27
C ARG A 64 3.92 0.44 -4.05
N ILE A 65 3.33 0.10 -2.89
CA ILE A 65 1.94 0.49 -2.56
C ILE A 65 1.96 1.42 -1.35
N PHE A 66 1.33 2.58 -1.53
CA PHE A 66 1.29 3.59 -0.48
C PHE A 66 -0.13 3.83 -0.06
N ASP A 67 -0.33 3.83 1.23
CA ASP A 67 -1.65 3.99 1.80
C ASP A 67 -1.73 5.49 2.24
N ILE A 68 -2.27 6.33 1.35
CA ILE A 68 -2.36 7.78 1.60
C ILE A 68 -3.72 8.24 2.11
N ARG A 69 -3.70 8.91 3.26
CA ARG A 69 -4.92 9.36 3.94
C ARG A 69 -4.93 10.87 3.96
N GLY A 70 -5.85 11.45 3.20
CA GLY A 70 -5.90 12.89 3.09
C GLY A 70 -7.06 13.64 3.71
N ARG A 71 -6.90 14.96 3.67
CA ARG A 71 -7.89 15.87 4.21
C ARG A 71 -7.86 17.21 3.42
N LEU A 72 -9.06 17.64 3.04
CA LEU A 72 -9.25 18.88 2.30
C LEU A 72 -9.14 20.05 3.26
N THR A 73 -8.23 20.99 2.98
CA THR A 73 -8.08 22.20 3.81
C THR A 73 -8.84 23.38 3.20
N ASP A 74 -8.79 24.54 3.88
CA ASP A 74 -9.41 25.79 3.42
C ASP A 74 -8.69 26.29 2.20
N ASP A 75 -7.36 26.13 2.23
CA ASP A 75 -6.47 26.56 1.17
C ASP A 75 -6.67 25.77 -0.09
N ASN A 76 -7.63 24.85 -0.02
CA ASN A 76 -8.02 23.95 -1.10
C ASN A 76 -6.94 22.99 -1.62
N THR A 77 -6.11 22.52 -0.68
CA THR A 77 -5.10 21.55 -0.99
C THR A 77 -5.44 20.35 -0.08
N ILE A 78 -4.86 19.20 -0.38
CA ILE A 78 -5.09 17.97 0.37
C ILE A 78 -3.84 17.65 1.16
N VAL A 79 -3.98 17.59 2.48
CA VAL A 79 -2.84 17.25 3.31
C VAL A 79 -3.06 15.85 3.95
N LEU A 80 -2.02 15.29 4.57
CA LEU A 80 -2.09 13.96 5.16
C LEU A 80 -2.40 14.03 6.63
N HIS A 81 -3.23 13.07 7.04
CA HIS A 81 -3.73 12.94 8.40
C HIS A 81 -3.76 11.50 8.94
N HIS A 82 -3.78 11.41 10.27
CA HIS A 82 -4.00 10.15 10.96
C HIS A 82 -5.18 10.53 11.85
N GLY A 83 -6.38 10.24 11.37
CA GLY A 83 -7.54 10.59 12.13
C GLY A 83 -7.64 12.10 12.18
N PRO A 84 -7.80 12.71 13.37
CA PRO A 84 -7.90 14.17 13.48
C PRO A 84 -6.53 14.83 13.40
N LEU A 85 -5.44 14.06 13.48
CA LEU A 85 -4.15 14.70 13.42
C LEU A 85 -3.44 14.83 12.08
N TYR A 86 -3.04 16.09 11.81
CA TYR A 86 -2.34 16.54 10.60
C TYR A 86 -0.92 16.03 10.74
N LEU A 87 -0.40 15.43 9.68
CA LEU A 87 0.92 14.84 9.75
C LEU A 87 2.13 15.63 9.27
N TYR A 88 1.94 16.90 8.93
CA TYR A 88 3.03 17.76 8.43
C TYR A 88 3.64 17.20 7.16
N VAL A 89 2.78 16.64 6.32
CA VAL A 89 3.19 16.04 5.05
C VAL A 89 2.00 16.37 4.13
N THR A 90 2.25 16.65 2.86
CA THR A 90 1.14 16.97 1.96
C THR A 90 1.01 15.95 0.87
N LEU A 91 -0.07 16.02 0.11
CA LEU A 91 -0.26 15.11 -1.02
C LEU A 91 0.80 15.40 -2.11
N HIS A 92 1.00 16.68 -2.42
CA HIS A 92 2.01 17.11 -3.39
C HIS A 92 3.35 16.54 -2.95
N GLU A 93 3.59 16.64 -1.65
CA GLU A 93 4.84 16.13 -1.13
C GLU A 93 5.02 14.66 -1.49
N PHE A 94 3.94 13.88 -1.43
CA PHE A 94 4.05 12.46 -1.78
C PHE A 94 4.25 12.27 -3.27
N ILE A 95 3.45 12.95 -4.06
CA ILE A 95 3.50 12.83 -5.50
C ILE A 95 4.87 13.15 -6.09
N ASN A 96 5.53 14.15 -5.49
CA ASN A 96 6.85 14.58 -5.92
C ASN A 96 7.94 13.59 -5.60
N GLU A 97 7.80 12.93 -4.46
CA GLU A 97 8.77 11.90 -4.11
C GLU A 97 8.55 10.79 -5.13
N ALA A 98 7.31 10.40 -5.39
CA ALA A 98 7.00 9.34 -6.36
C ALA A 98 7.48 9.70 -7.77
N LYS A 99 7.35 10.98 -8.13
CA LYS A 99 7.81 11.44 -9.43
C LYS A 99 9.32 11.30 -9.54
N GLN A 100 10.05 11.74 -8.53
CA GLN A 100 11.49 11.63 -8.56
C GLN A 100 11.86 10.15 -8.65
N PHE A 101 11.27 9.32 -7.78
CA PHE A 101 11.58 7.89 -7.79
C PHE A 101 11.29 7.23 -9.13
N LEU A 102 10.18 7.58 -9.77
CA LEU A 102 9.83 6.97 -11.05
C LEU A 102 10.70 7.45 -12.20
N LYS A 103 11.34 8.58 -11.97
CA LYS A 103 12.24 9.17 -12.96
C LYS A 103 13.58 8.41 -12.92
N ASP A 104 14.11 8.22 -11.72
CA ASP A 104 15.35 7.47 -11.50
C ASP A 104 15.18 5.97 -11.79
N ASN A 105 13.98 5.45 -11.60
CA ASN A 105 13.72 4.02 -11.80
C ASN A 105 12.47 3.85 -12.57
N PRO A 106 12.51 4.18 -13.84
CA PRO A 106 11.42 4.12 -14.83
C PRO A 106 10.80 2.72 -15.12
N SER A 107 11.42 1.69 -14.54
CA SER A 107 10.95 0.32 -14.67
C SER A 107 9.79 0.09 -13.71
N GLU A 108 9.77 0.88 -12.65
CA GLU A 108 8.77 0.74 -11.60
C GLU A 108 7.47 1.45 -11.78
N THR A 109 6.52 1.10 -10.92
CA THR A 109 5.21 1.75 -10.85
C THR A 109 4.92 1.96 -9.38
N ILE A 110 4.06 2.93 -9.08
CA ILE A 110 3.74 3.18 -7.70
C ILE A 110 2.23 3.10 -7.67
N ILE A 111 1.66 2.33 -6.75
CA ILE A 111 0.21 2.25 -6.64
C ILE A 111 -0.17 3.17 -5.47
N MET A 112 -1.04 4.14 -5.70
CA MET A 112 -1.39 5.00 -4.59
C MET A 112 -2.84 4.85 -4.24
N SER A 113 -3.06 4.43 -3.00
CA SER A 113 -4.41 4.26 -2.47
C SER A 113 -4.71 5.61 -1.85
N LEU A 114 -5.89 6.16 -2.12
CA LEU A 114 -6.25 7.45 -1.50
C LEU A 114 -7.55 7.32 -0.77
N LYS A 115 -7.54 7.76 0.48
CA LYS A 115 -8.70 7.71 1.32
C LYS A 115 -8.90 9.08 1.98
N LYS A 116 -10.15 9.48 2.12
CA LYS A 116 -10.49 10.70 2.85
C LYS A 116 -10.48 10.28 4.33
N GLU A 117 -9.48 10.72 5.07
CA GLU A 117 -9.25 10.37 6.46
C GLU A 117 -9.97 11.19 7.53
N TYR A 118 -10.44 12.37 7.16
CA TYR A 118 -11.08 13.27 8.09
C TYR A 118 -11.96 14.23 7.28
N GLU A 119 -12.87 14.91 7.95
CA GLU A 119 -13.78 15.80 7.26
C GLU A 119 -13.17 17.11 6.81
N ASP A 120 -13.61 17.53 5.63
CA ASP A 120 -13.16 18.75 5.00
C ASP A 120 -13.24 19.93 5.92
N MET A 121 -12.25 20.81 5.88
CA MET A 121 -12.30 22.04 6.64
C MET A 121 -13.48 22.81 6.06
N LYS A 122 -14.14 23.51 6.95
CA LYS A 122 -15.34 24.28 6.68
C LYS A 122 -15.30 25.26 5.49
N GLY A 123 -14.18 25.94 5.28
CA GLY A 123 -14.16 26.86 4.17
C GLY A 123 -13.75 26.38 2.79
N ALA A 124 -13.59 25.09 2.58
CA ALA A 124 -13.14 24.60 1.26
C ALA A 124 -14.18 24.87 0.18
N GLU A 125 -13.73 25.11 -1.04
CA GLU A 125 -14.64 25.43 -2.13
C GLU A 125 -15.27 24.23 -2.79
N ASP A 126 -14.50 23.16 -2.93
CA ASP A 126 -14.99 21.99 -3.61
C ASP A 126 -15.00 20.79 -2.66
N SER A 127 -15.51 19.66 -3.15
CA SER A 127 -15.56 18.43 -2.39
C SER A 127 -14.16 17.82 -2.46
N PHE A 128 -13.90 16.84 -1.59
CA PHE A 128 -12.61 16.14 -1.53
C PHE A 128 -12.26 15.45 -2.83
N SER A 129 -13.20 14.69 -3.38
CA SER A 129 -12.93 13.96 -4.58
C SER A 129 -12.76 14.94 -5.71
N SER A 130 -13.56 15.99 -5.71
CA SER A 130 -13.50 16.95 -6.80
C SER A 130 -12.17 17.72 -6.83
N THR A 131 -11.73 18.18 -5.67
CA THR A 131 -10.46 18.88 -5.61
C THR A 131 -9.35 17.95 -6.07
N PHE A 132 -9.37 16.72 -5.56
CA PHE A 132 -8.33 15.77 -5.93
C PHE A 132 -8.25 15.58 -7.43
N GLU A 133 -9.40 15.39 -8.03
CA GLU A 133 -9.43 15.15 -9.45
C GLU A 133 -9.13 16.33 -10.34
N LYS A 134 -9.57 17.52 -9.98
CA LYS A 134 -9.30 18.69 -10.84
C LYS A 134 -7.93 19.26 -10.58
N LYS A 135 -7.44 19.11 -9.35
CA LYS A 135 -6.17 19.66 -9.02
C LYS A 135 -5.01 18.73 -8.98
N TYR A 136 -5.21 17.42 -9.00
CA TYR A 136 -4.04 16.57 -8.92
C TYR A 136 -4.00 15.44 -9.92
N PHE A 137 -5.08 14.67 -9.95
CA PHE A 137 -5.18 13.47 -10.77
C PHE A 137 -4.93 13.82 -12.24
N VAL A 138 -5.32 15.02 -12.59
CA VAL A 138 -5.21 15.53 -13.93
C VAL A 138 -3.76 15.54 -14.41
N ASP A 139 -2.83 15.45 -13.46
CA ASP A 139 -1.40 15.42 -13.76
C ASP A 139 -1.11 14.17 -14.60
N PRO A 140 -0.27 14.33 -15.64
CA PRO A 140 0.01 13.15 -16.47
C PRO A 140 0.66 11.91 -15.80
N ILE A 141 1.27 11.98 -14.60
CA ILE A 141 1.84 10.76 -14.00
C ILE A 141 0.78 9.73 -13.67
N PHE A 142 -0.46 10.16 -13.51
CA PHE A 142 -1.54 9.23 -13.20
C PHE A 142 -2.04 8.42 -14.39
N LEU A 143 -1.98 7.11 -14.26
CA LEU A 143 -2.48 6.23 -15.29
C LEU A 143 -4.01 6.46 -15.31
N LYS A 144 -4.58 6.63 -16.49
CA LYS A 144 -6.01 6.88 -16.62
C LYS A 144 -6.68 5.67 -17.23
N THR A 145 -5.93 4.58 -17.29
CA THR A 145 -6.44 3.33 -17.79
C THR A 145 -7.00 2.53 -16.61
N GLU A 146 -8.17 1.95 -16.83
CA GLU A 146 -8.86 1.09 -15.87
C GLU A 146 -8.70 -0.38 -16.34
N GLY A 147 -9.63 -1.26 -15.93
CA GLY A 147 -9.54 -2.67 -16.28
C GLY A 147 -8.55 -3.41 -15.36
N ASN A 148 -8.07 -4.58 -15.77
CA ASN A 148 -7.09 -5.31 -14.96
C ASN A 148 -5.73 -4.82 -15.42
N ILE A 149 -5.35 -3.67 -14.90
CA ILE A 149 -4.10 -3.03 -15.27
C ILE A 149 -2.90 -3.96 -15.33
N LYS A 150 -2.18 -3.87 -16.45
CA LYS A 150 -1.00 -4.67 -16.67
C LYS A 150 0.25 -3.89 -16.24
N LEU A 151 1.31 -4.61 -15.90
CA LEU A 151 2.53 -3.95 -15.49
C LEU A 151 3.11 -3.06 -16.61
N GLY A 152 2.99 -3.50 -17.85
CA GLY A 152 3.54 -2.73 -18.97
C GLY A 152 3.03 -1.30 -19.11
N ASP A 153 1.74 -1.12 -18.81
CA ASP A 153 1.06 0.16 -18.90
C ASP A 153 1.25 1.03 -17.69
N ALA A 154 1.73 0.42 -16.62
CA ALA A 154 1.90 1.10 -15.34
C ALA A 154 3.25 1.72 -15.06
N ARG A 155 4.31 1.11 -15.60
CA ARG A 155 5.67 1.57 -15.34
C ARG A 155 5.83 3.02 -15.68
N GLY A 156 6.46 3.75 -14.78
CA GLY A 156 6.68 5.14 -15.02
C GLY A 156 5.48 5.93 -14.56
N LYS A 157 4.41 5.26 -14.18
CA LYS A 157 3.28 6.02 -13.74
C LYS A 157 2.85 5.61 -12.37
N ILE A 158 1.96 6.42 -11.79
CA ILE A 158 1.34 6.19 -10.48
C ILE A 158 -0.05 5.62 -10.79
N VAL A 159 -0.40 4.50 -10.16
CA VAL A 159 -1.70 3.83 -10.35
C VAL A 159 -2.51 4.06 -9.09
N LEU A 160 -3.69 4.64 -9.27
CA LEU A 160 -4.59 4.95 -8.17
C LEU A 160 -5.48 3.80 -7.71
N LEU A 161 -5.60 3.66 -6.42
CA LEU A 161 -6.48 2.67 -5.85
C LEU A 161 -7.41 3.60 -5.06
N LYS A 162 -8.61 3.80 -5.60
CA LYS A 162 -9.58 4.67 -4.96
C LYS A 162 -10.26 4.09 -3.73
N ARG A 163 -10.15 4.84 -2.63
CA ARG A 163 -10.81 4.51 -1.36
C ARG A 163 -11.67 5.71 -0.97
N TYR A 164 -12.24 6.33 -2.00
CA TYR A 164 -13.11 7.49 -1.86
C TYR A 164 -14.20 7.40 -2.95
N SER A 165 -15.38 7.92 -2.62
CA SER A 165 -16.50 7.92 -3.54
C SER A 165 -16.64 9.28 -4.25
N GLY A 166 -17.44 9.29 -5.29
CA GLY A 166 -17.68 10.51 -6.03
C GLY A 166 -16.68 10.77 -7.12
N SER A 167 -15.85 9.78 -7.42
CA SER A 167 -14.84 9.93 -8.46
C SER A 167 -15.54 10.09 -9.82
N ASN A 168 -15.14 11.11 -10.60
CA ASN A 168 -15.75 11.30 -11.91
C ASN A 168 -14.79 11.10 -13.02
N GLU A 169 -13.53 10.90 -12.68
CA GLU A 169 -12.52 10.69 -13.68
C GLU A 169 -12.08 9.22 -13.77
N PRO A 170 -12.12 8.64 -14.98
CA PRO A 170 -11.71 7.24 -15.17
C PRO A 170 -10.20 7.02 -14.97
N GLY A 171 -9.85 5.87 -14.40
CA GLY A 171 -8.44 5.54 -14.19
C GLY A 171 -8.13 4.76 -12.94
N GLY A 172 -7.14 3.88 -13.01
CA GLY A 172 -6.77 3.10 -11.85
C GLY A 172 -7.83 2.13 -11.39
N TYR A 173 -7.81 1.80 -10.10
CA TYR A 173 -8.77 0.90 -9.50
C TYR A 173 -9.88 1.69 -8.87
N ASN A 174 -11.09 1.32 -9.19
CA ASN A 174 -12.27 1.95 -8.68
C ASN A 174 -12.54 1.64 -7.24
N ASN A 175 -13.33 2.52 -6.62
CA ASN A 175 -13.71 2.37 -5.24
C ASN A 175 -14.57 1.11 -5.11
N PHE A 176 -14.47 0.40 -3.99
CA PHE A 176 -15.30 -0.79 -3.78
C PHE A 176 -15.68 -0.88 -2.29
N TYR A 177 -16.80 -1.56 -2.01
CA TYR A 177 -17.27 -1.74 -0.65
C TYR A 177 -16.12 -2.24 0.21
N TRP A 178 -15.87 -1.53 1.29
CA TRP A 178 -14.78 -1.86 2.17
C TRP A 178 -15.31 -1.75 3.60
N PRO A 179 -15.91 -2.85 4.11
CA PRO A 179 -16.47 -2.93 5.47
C PRO A 179 -15.39 -2.81 6.52
N ASP A 180 -15.82 -2.39 7.69
CA ASP A 180 -14.93 -2.16 8.79
C ASP A 180 -14.43 -3.39 9.56
N ASN A 181 -13.14 -3.39 9.80
CA ASN A 181 -12.45 -4.41 10.59
C ASN A 181 -12.81 -5.85 10.25
N GLU A 182 -12.60 -6.22 8.99
CA GLU A 182 -12.82 -7.57 8.60
C GLU A 182 -12.04 -8.02 7.39
N THR A 183 -12.25 -9.27 7.04
CA THR A 183 -11.59 -9.81 5.89
C THR A 183 -12.82 -10.05 5.05
N PHE A 184 -12.77 -9.64 3.79
CA PHE A 184 -13.92 -9.75 2.92
C PHE A 184 -13.51 -10.00 1.50
N THR A 185 -14.49 -10.16 0.65
CA THR A 185 -14.21 -10.38 -0.73
C THR A 185 -15.37 -9.76 -1.54
N THR A 186 -15.05 -9.00 -2.57
CA THR A 186 -16.06 -8.34 -3.40
C THR A 186 -15.51 -8.19 -4.82
N THR A 187 -16.07 -7.27 -5.59
CA THR A 187 -15.61 -7.07 -6.95
C THR A 187 -15.16 -5.64 -7.22
N VAL A 188 -14.17 -5.49 -8.09
CA VAL A 188 -13.61 -4.20 -8.48
C VAL A 188 -13.63 -4.05 -10.02
N ASN A 189 -13.39 -2.82 -10.46
CA ASN A 189 -13.35 -2.48 -11.89
C ASN A 189 -14.51 -3.09 -12.68
N GLN A 190 -14.19 -4.04 -13.54
CA GLN A 190 -15.21 -4.67 -14.35
C GLN A 190 -15.53 -6.07 -13.84
N ASN A 191 -14.60 -7.01 -14.05
CA ASN A 191 -14.84 -8.41 -13.63
C ASN A 191 -13.97 -8.99 -12.48
N ALA A 192 -12.86 -8.30 -12.17
CA ALA A 192 -11.93 -8.76 -11.13
C ALA A 192 -12.47 -8.72 -9.70
N ASN A 193 -12.12 -9.73 -8.91
CA ASN A 193 -12.54 -9.80 -7.52
C ASN A 193 -11.44 -9.26 -6.67
N VAL A 194 -11.74 -9.01 -5.41
CA VAL A 194 -10.76 -8.50 -4.46
C VAL A 194 -11.13 -9.11 -3.14
N THR A 195 -10.12 -9.53 -2.39
CA THR A 195 -10.32 -10.10 -1.05
C THR A 195 -9.39 -9.27 -0.20
N VAL A 196 -9.89 -8.69 0.87
CA VAL A 196 -9.03 -7.90 1.74
C VAL A 196 -9.01 -8.37 3.21
N GLN A 197 -7.85 -8.39 3.83
CA GLN A 197 -7.79 -8.73 5.22
C GLN A 197 -7.37 -7.41 5.85
N ASP A 198 -8.28 -6.82 6.59
CA ASP A 198 -8.03 -5.53 7.25
C ASP A 198 -8.67 -5.52 8.66
N LYS A 199 -8.30 -6.52 9.48
CA LYS A 199 -8.76 -6.62 10.86
C LYS A 199 -7.78 -5.81 11.65
N TYR A 200 -7.98 -4.50 11.64
CA TYR A 200 -7.05 -3.59 12.29
C TYR A 200 -7.25 -3.48 13.78
N LYS A 201 -8.47 -3.79 14.21
CA LYS A 201 -8.77 -3.70 15.63
C LYS A 201 -9.11 -5.08 16.23
N VAL A 202 -8.14 -6.01 16.24
CA VAL A 202 -8.36 -7.36 16.83
C VAL A 202 -7.17 -7.78 17.68
N SER A 203 -7.25 -8.96 18.30
CA SER A 203 -6.14 -9.43 19.14
C SER A 203 -5.02 -9.91 18.25
N TYR A 204 -3.82 -9.94 18.82
CA TYR A 204 -2.64 -10.37 18.13
C TYR A 204 -2.89 -11.74 17.55
N ASP A 205 -3.41 -12.63 18.37
CA ASP A 205 -3.69 -14.01 17.96
C ASP A 205 -4.60 -14.11 16.78
N GLU A 206 -5.70 -13.38 16.81
CA GLU A 206 -6.64 -13.39 15.71
C GLU A 206 -6.02 -12.81 14.48
N LYS A 207 -5.13 -11.86 14.69
CA LYS A 207 -4.51 -11.18 13.59
C LYS A 207 -3.59 -12.09 12.81
N VAL A 208 -2.66 -12.74 13.50
CA VAL A 208 -1.70 -13.62 12.80
C VAL A 208 -2.39 -14.75 12.00
N LYS A 209 -3.54 -15.19 12.49
CA LYS A 209 -4.27 -16.25 11.84
C LYS A 209 -4.96 -15.68 10.61
N SER A 210 -5.52 -14.49 10.77
CA SER A 210 -6.17 -13.79 9.64
C SER A 210 -5.19 -13.57 8.50
N ILE A 211 -3.97 -13.17 8.84
CA ILE A 211 -2.92 -12.96 7.85
C ILE A 211 -2.54 -14.27 7.17
N LYS A 212 -2.20 -15.28 7.97
CA LYS A 212 -1.80 -16.58 7.42
C LYS A 212 -2.87 -17.22 6.56
N ASP A 213 -4.13 -17.19 7.03
CA ASP A 213 -5.23 -17.77 6.27
C ASP A 213 -5.49 -17.07 4.94
N THR A 214 -5.33 -15.74 4.93
CA THR A 214 -5.54 -15.00 3.68
C THR A 214 -4.34 -15.27 2.79
N MET A 215 -3.18 -15.38 3.40
CA MET A 215 -1.99 -15.66 2.63
C MET A 215 -2.11 -17.09 2.04
N ASP A 216 -2.65 -18.02 2.82
CA ASP A 216 -2.83 -19.38 2.31
C ASP A 216 -3.80 -19.36 1.15
N GLU A 217 -4.89 -18.66 1.30
CA GLU A 217 -5.83 -18.63 0.22
C GLU A 217 -5.19 -18.09 -1.06
N THR A 218 -4.25 -17.17 -0.91
CA THR A 218 -3.54 -16.55 -2.01
C THR A 218 -2.55 -17.49 -2.72
N MET A 219 -1.72 -18.20 -1.94
CA MET A 219 -0.75 -19.08 -2.56
C MET A 219 -1.41 -20.28 -3.20
N ASN A 220 -2.66 -20.53 -2.83
CA ASN A 220 -3.42 -21.63 -3.39
C ASN A 220 -4.26 -21.22 -4.57
N ASN A 221 -4.24 -19.93 -4.88
CA ASN A 221 -4.98 -19.39 -6.00
C ASN A 221 -3.97 -18.54 -6.76
N SER A 222 -2.77 -19.06 -6.84
CA SER A 222 -1.64 -18.42 -7.47
C SER A 222 -1.79 -18.04 -8.94
N GLU A 223 -2.65 -18.73 -9.68
CA GLU A 223 -2.74 -18.39 -11.09
C GLU A 223 -4.00 -17.67 -11.55
N ASP A 224 -4.83 -17.32 -10.58
CA ASP A 224 -6.08 -16.58 -10.82
C ASP A 224 -5.65 -15.10 -11.00
N LEU A 225 -5.23 -14.74 -12.21
CA LEU A 225 -4.75 -13.39 -12.55
C LEU A 225 -5.70 -12.25 -12.23
N ASN A 226 -6.99 -12.51 -12.20
CA ASN A 226 -7.94 -11.45 -11.93
C ASN A 226 -8.49 -11.46 -10.54
N HIS A 227 -7.60 -11.59 -9.59
CA HIS A 227 -8.03 -11.60 -8.24
C HIS A 227 -7.04 -10.82 -7.40
N LEU A 228 -7.48 -9.70 -6.87
CA LEU A 228 -6.62 -8.89 -6.02
C LEU A 228 -6.63 -9.49 -4.63
N TYR A 229 -5.49 -9.52 -4.00
CA TYR A 229 -5.41 -9.99 -2.64
C TYR A 229 -4.59 -8.96 -1.91
N ILE A 230 -5.25 -8.22 -1.03
CA ILE A 230 -4.59 -7.19 -0.24
C ILE A 230 -4.58 -7.70 1.20
N ASN A 231 -3.43 -7.70 1.83
CA ASN A 231 -3.33 -8.28 3.17
C ASN A 231 -2.54 -7.37 4.06
N PHE A 232 -3.22 -6.77 5.03
CA PHE A 232 -2.59 -5.84 5.97
C PHE A 232 -2.05 -6.57 7.19
N THR A 233 -0.74 -6.48 7.43
CA THR A 233 -0.15 -7.11 8.61
C THR A 233 -0.19 -6.10 9.77
N SER A 234 -0.69 -4.91 9.50
CA SER A 234 -0.73 -3.88 10.51
C SER A 234 -1.86 -4.10 11.53
N LEU A 235 -1.61 -3.70 12.76
CA LEU A 235 -2.56 -3.89 13.80
C LEU A 235 -2.42 -2.66 14.68
N SER A 236 -3.54 -2.09 15.12
CA SER A 236 -3.49 -0.93 16.00
C SER A 236 -4.00 -1.31 17.38
N SER A 237 -3.60 -0.58 18.41
CA SER A 237 -4.13 -0.86 19.74
C SER A 237 -4.07 0.29 20.77
N GLY A 238 -3.67 -0.01 22.01
CA GLY A 238 -3.63 0.99 23.08
C GLY A 238 -2.48 1.99 23.09
N GLY A 239 -2.35 2.70 24.22
CA GLY A 239 -1.31 3.71 24.32
C GLY A 239 -0.07 3.48 25.17
N THR A 240 0.62 2.35 25.00
CA THR A 240 1.84 2.10 25.76
C THR A 240 2.85 1.25 24.98
N ALA A 241 4.12 1.41 25.31
CA ALA A 241 5.23 0.72 24.63
C ALA A 241 5.10 -0.77 24.30
N TRP A 242 4.19 -1.46 24.95
CA TRP A 242 4.03 -2.90 24.73
C TRP A 242 2.60 -3.11 24.25
N ASN A 243 2.19 -2.25 23.35
CA ASN A 243 0.81 -2.26 22.90
C ASN A 243 0.68 -1.48 21.57
N SER A 244 1.72 -0.73 21.25
CA SER A 244 1.74 0.11 20.06
C SER A 244 2.11 -0.67 18.80
N PRO A 245 1.74 -0.12 17.64
CA PRO A 245 1.99 -0.68 16.30
C PRO A 245 3.44 -1.07 16.14
N TYR A 246 4.34 -0.34 16.80
CA TYR A 246 5.74 -0.68 16.74
C TYR A 246 5.96 -2.02 17.44
N TYR A 247 5.37 -2.16 18.62
CA TYR A 247 5.48 -3.38 19.40
C TYR A 247 4.97 -4.59 18.58
N TYR A 248 3.78 -4.46 17.99
CA TYR A 248 3.17 -5.52 17.22
C TYR A 248 3.94 -5.91 15.98
N ALA A 249 4.39 -4.90 15.26
CA ALA A 249 5.12 -5.08 14.02
C ALA A 249 6.47 -5.74 14.27
N SER A 250 7.05 -5.47 15.43
CA SER A 250 8.34 -6.05 15.78
C SER A 250 8.20 -7.58 15.89
N TYR A 251 6.96 -8.03 16.07
CA TYR A 251 6.63 -9.44 16.17
C TYR A 251 6.08 -9.97 14.87
N ILE A 252 5.06 -9.27 14.38
CA ILE A 252 4.37 -9.64 13.16
C ILE A 252 5.22 -9.64 11.93
N ASN A 253 6.16 -8.74 11.84
CA ASN A 253 6.97 -8.72 10.61
C ASN A 253 7.91 -9.91 10.44
N PRO A 254 8.73 -10.22 11.45
CA PRO A 254 9.62 -11.37 11.23
C PRO A 254 8.87 -12.72 11.16
N GLU A 255 7.78 -12.83 11.94
CA GLU A 255 6.91 -14.01 11.96
C GLU A 255 6.32 -14.32 10.58
N ILE A 256 5.75 -13.30 9.92
CA ILE A 256 5.14 -13.46 8.58
C ILE A 256 6.23 -13.65 7.53
N ALA A 257 7.35 -12.96 7.72
CA ALA A 257 8.48 -13.03 6.83
C ALA A 257 8.94 -14.49 6.75
N ASN A 258 9.14 -15.11 7.92
CA ASN A 258 9.57 -16.51 7.96
C ASN A 258 8.49 -17.42 7.44
N TYR A 259 7.25 -17.09 7.74
CA TYR A 259 6.17 -17.89 7.27
C TYR A 259 6.22 -17.98 5.76
N ILE A 260 6.52 -16.87 5.08
CA ILE A 260 6.61 -16.87 3.61
C ILE A 260 7.88 -17.66 3.20
N LYS A 261 8.96 -17.37 3.90
CA LYS A 261 10.26 -17.96 3.65
C LYS A 261 10.21 -19.48 3.48
N GLN A 262 9.59 -20.15 4.45
CA GLN A 262 9.49 -21.60 4.48
C GLN A 262 8.44 -22.25 3.57
N LYS A 263 7.35 -21.56 3.29
CA LYS A 263 6.31 -22.12 2.46
C LYS A 263 6.73 -22.15 0.99
N ASN A 264 7.73 -21.32 0.67
CA ASN A 264 8.24 -21.13 -0.70
C ASN A 264 7.11 -21.01 -1.75
N PRO A 265 6.18 -20.06 -1.54
CA PRO A 265 5.08 -19.91 -2.47
C PRO A 265 5.35 -19.16 -3.72
N ALA A 266 4.40 -19.28 -4.63
CA ALA A 266 4.43 -18.65 -5.94
C ALA A 266 3.72 -17.29 -5.98
N ARG A 267 2.79 -17.06 -5.04
CA ARG A 267 2.01 -15.84 -4.94
C ARG A 267 1.77 -15.54 -3.46
N VAL A 268 1.97 -14.28 -3.07
CA VAL A 268 1.81 -13.83 -1.69
C VAL A 268 0.78 -12.69 -1.56
N GLY A 269 0.57 -11.97 -2.66
CA GLY A 269 -0.41 -10.90 -2.69
C GLY A 269 0.18 -9.56 -2.36
N TRP A 270 -0.68 -8.58 -2.14
CA TRP A 270 -0.21 -7.24 -1.83
C TRP A 270 -0.17 -7.20 -0.33
N VAL A 271 1.04 -7.18 0.23
CA VAL A 271 1.23 -7.17 1.66
C VAL A 271 1.59 -5.78 2.23
N ILE A 272 0.60 -5.12 2.87
CA ILE A 272 0.79 -3.78 3.42
C ILE A 272 1.23 -3.87 4.88
N GLN A 273 2.43 -3.35 5.17
CA GLN A 273 2.98 -3.47 6.50
C GLN A 273 3.34 -2.18 7.21
N ASP A 274 3.39 -2.26 8.54
CA ASP A 274 3.84 -1.12 9.32
C ASP A 274 5.33 -1.32 9.42
N TYR A 275 5.99 -0.25 9.84
CA TYR A 275 7.43 -0.24 10.07
C TYR A 275 8.38 -0.93 9.12
N ILE A 276 8.35 -0.52 7.85
CA ILE A 276 9.28 -1.05 6.87
C ILE A 276 10.60 -0.44 7.30
N ASN A 277 11.49 -1.28 7.83
CA ASN A 277 12.83 -0.86 8.26
C ASN A 277 13.80 -2.00 8.01
N GLU A 278 14.97 -1.96 8.64
CA GLU A 278 15.94 -3.03 8.47
C GLU A 278 16.37 -3.62 9.84
N LYS A 279 15.48 -3.51 10.82
CA LYS A 279 15.76 -4.01 12.15
C LYS A 279 15.48 -5.50 12.32
N TRP A 280 14.29 -5.95 11.95
CA TRP A 280 13.92 -7.33 12.15
C TRP A 280 14.36 -8.24 11.01
N SER A 281 14.71 -9.49 11.33
CA SER A 281 15.07 -10.45 10.30
C SER A 281 14.22 -11.68 10.54
N PRO A 282 13.73 -12.32 9.48
CA PRO A 282 13.93 -11.94 8.07
C PRO A 282 13.03 -10.73 7.69
N LEU A 283 13.41 -10.09 6.60
CA LEU A 283 12.71 -8.90 6.09
C LEU A 283 11.47 -9.22 5.31
N LEU A 284 10.31 -8.84 5.87
CA LEU A 284 9.00 -9.08 5.30
C LEU A 284 8.91 -8.63 3.84
N TYR A 285 9.29 -7.37 3.58
CA TYR A 285 9.24 -6.79 2.23
C TYR A 285 10.10 -7.49 1.20
N GLN A 286 11.24 -8.02 1.67
CA GLN A 286 12.15 -8.79 0.84
C GLN A 286 11.56 -10.17 0.53
N GLU A 287 11.00 -10.83 1.54
CA GLU A 287 10.40 -12.13 1.26
C GLU A 287 9.21 -11.99 0.28
N VAL A 288 8.42 -10.95 0.44
CA VAL A 288 7.26 -10.74 -0.43
C VAL A 288 7.77 -10.55 -1.87
N ILE A 289 8.78 -9.71 -2.04
CA ILE A 289 9.36 -9.45 -3.35
C ILE A 289 9.90 -10.75 -4.00
N ARG A 290 10.48 -11.65 -3.19
CA ARG A 290 11.02 -12.92 -3.69
C ARG A 290 9.97 -13.95 -4.12
N ALA A 291 8.75 -13.82 -3.64
CA ALA A 291 7.70 -14.73 -4.04
C ALA A 291 7.41 -14.49 -5.52
N ASN A 292 8.12 -13.53 -6.11
CA ASN A 292 7.93 -13.23 -7.54
C ASN A 292 8.86 -14.03 -8.45
N LYS A 293 9.69 -14.90 -7.88
CA LYS A 293 10.64 -15.67 -8.71
C LYS A 293 9.93 -16.49 -9.74
N SER A 294 8.67 -16.80 -9.48
CA SER A 294 7.86 -17.60 -10.40
C SER A 294 7.38 -16.88 -11.66
N LEU A 295 7.47 -15.55 -11.69
CA LEU A 295 7.01 -14.78 -12.83
C LEU A 295 8.06 -14.59 -13.88
N ILE A 296 9.32 -14.60 -13.45
CA ILE A 296 10.52 -14.41 -14.28
C ILE A 296 10.64 -15.33 -15.55
#